data_2AK3
#
_entry.id   2AK3
#
_cell.length_a   49.830
_cell.length_b   66.990
_cell.length_c   155.410
_cell.angle_alpha   90.00
_cell.angle_beta   90.00
_cell.angle_gamma   90.00
#
_symmetry.space_group_name_H-M   'P 21 21 21'
#
loop_
_entity.id
_entity.type
_entity.pdbx_description
1 polymer 'ADENYLATE KINASE ISOENZYME-3'
2 non-polymer 'SULFATE ION'
3 non-polymer 'ADENOSINE MONOPHOSPHATE'
4 water water
#
_entity_poly.entity_id   1
_entity_poly.type   'polypeptide(L)'
_entity_poly.pdbx_seq_one_letter_code
;GASARLLRAAIMGAPGSGKGTVSSRITKHFELKHLSSGDLLRDNMLRGTEIGVLAKTFIDQGKLIPDDVMTRLVLHELKN
LTQYNWLLDGFPRTLPQAEALDRAYQIDTVINLNVPFEVIKQRLTARWIHPGSGRVYNIEFNPPKTMGIDDLTGEPLVQR
EDDRPETVVKRLKAYEAQTEPVLEYYRKKGVLETFSGTETNKIWPHVYAFLQTKLPQRSQETSVTP
;
_entity_poly.pdbx_strand_id   A,B
#
# COMPACT_ATOMS: atom_id res chain seq x y z
N GLY A 1 -4.27 -3.68 -3.49
CA GLY A 1 -3.16 -3.29 -2.65
C GLY A 1 -3.80 -2.34 -1.68
N ALA A 2 -3.91 -1.07 -2.09
CA ALA A 2 -4.61 -0.01 -1.38
C ALA A 2 -6.08 -0.43 -1.51
N SER A 3 -6.60 -1.29 -0.61
CA SER A 3 -7.92 -1.91 -0.73
C SER A 3 -9.11 -0.95 -0.88
N ALA A 4 -9.71 -0.25 0.11
CA ALA A 4 -10.81 0.68 -0.18
C ALA A 4 -10.26 2.10 -0.42
N ARG A 5 -9.03 2.11 -0.93
CA ARG A 5 -8.19 3.26 -0.97
C ARG A 5 -7.67 3.36 -2.41
N LEU A 6 -8.58 3.30 -3.40
CA LEU A 6 -8.10 3.44 -4.77
C LEU A 6 -8.30 4.89 -5.20
N LEU A 7 -7.41 5.52 -5.94
CA LEU A 7 -7.58 6.92 -6.28
C LEU A 7 -8.40 7.05 -7.55
N ARG A 8 -9.40 7.91 -7.54
CA ARG A 8 -10.20 8.21 -8.73
C ARG A 8 -9.81 9.67 -8.98
N ALA A 9 -8.97 9.93 -9.96
CA ALA A 9 -8.48 11.26 -10.17
C ALA A 9 -8.66 11.67 -11.60
N ALA A 10 -8.64 12.95 -11.88
CA ALA A 10 -8.65 13.41 -13.23
C ALA A 10 -7.58 14.50 -13.34
N ILE A 11 -6.93 14.67 -14.51
CA ILE A 11 -5.96 15.76 -14.70
C ILE A 11 -6.44 16.62 -15.85
N MET A 12 -6.33 17.95 -15.70
CA MET A 12 -6.86 18.92 -16.66
C MET A 12 -5.83 19.95 -16.93
N GLY A 13 -5.83 20.48 -18.13
CA GLY A 13 -4.90 21.52 -18.48
C GLY A 13 -4.98 21.83 -19.97
N ALA A 14 -4.82 23.10 -20.36
CA ALA A 14 -4.89 23.57 -21.76
C ALA A 14 -3.87 22.85 -22.63
N PRO A 15 -4.04 22.70 -23.96
CA PRO A 15 -2.92 22.30 -24.83
C PRO A 15 -1.69 23.20 -24.59
N GLY A 16 -0.49 22.64 -24.53
CA GLY A 16 0.73 23.38 -24.31
C GLY A 16 0.94 23.58 -22.82
N SER A 17 0.07 23.15 -21.88
CA SER A 17 0.27 23.43 -20.46
C SER A 17 1.27 22.52 -19.79
N GLY A 18 1.75 21.51 -20.47
CA GLY A 18 2.67 20.56 -19.90
C GLY A 18 1.89 19.40 -19.30
N LYS A 19 0.60 19.25 -19.55
CA LYS A 19 -0.21 18.21 -18.98
C LYS A 19 0.31 16.84 -19.38
N GLY A 20 0.73 16.69 -20.63
CA GLY A 20 1.28 15.46 -21.18
C GLY A 20 2.51 15.01 -20.44
N THR A 21 3.43 15.93 -20.17
CA THR A 21 4.63 15.61 -19.40
C THR A 21 4.24 15.24 -17.99
N VAL A 22 3.33 16.00 -17.39
CA VAL A 22 3.03 15.72 -15.99
C VAL A 22 2.31 14.37 -15.92
N SER A 23 1.34 14.06 -16.77
CA SER A 23 0.77 12.75 -16.82
C SER A 23 1.83 11.65 -17.01
N SER A 24 2.85 11.76 -17.87
CA SER A 24 3.90 10.78 -17.98
C SER A 24 4.62 10.55 -16.67
N ARG A 25 5.04 11.63 -15.99
CA ARG A 25 5.75 11.51 -14.75
C ARG A 25 4.88 10.85 -13.68
N ILE A 26 3.55 11.12 -13.62
CA ILE A 26 2.69 10.48 -12.59
C ILE A 26 2.70 9.00 -12.82
N THR A 27 2.57 8.59 -14.07
CA THR A 27 2.50 7.19 -14.39
C THR A 27 3.90 6.64 -14.19
N LYS A 28 4.97 7.42 -14.31
CA LYS A 28 6.33 6.90 -14.09
C LYS A 28 6.50 6.58 -12.62
N HIS A 29 5.94 7.41 -11.76
CA HIS A 29 6.22 7.26 -10.32
C HIS A 29 5.15 6.57 -9.48
N PHE A 30 3.94 6.34 -9.96
CA PHE A 30 2.88 5.84 -9.13
C PHE A 30 2.22 4.72 -9.88
N GLU A 31 1.63 3.87 -9.08
CA GLU A 31 0.96 2.69 -9.53
C GLU A 31 -0.47 3.04 -9.92
N LEU A 32 -0.71 3.41 -11.17
CA LEU A 32 -2.07 3.73 -11.58
C LEU A 32 -2.31 3.52 -13.08
N LYS A 33 -3.60 3.49 -13.49
CA LYS A 33 -3.98 3.38 -14.88
C LYS A 33 -4.32 4.75 -15.36
N HIS A 34 -3.74 5.07 -16.49
CA HIS A 34 -3.91 6.37 -17.02
C HIS A 34 -4.90 6.16 -18.14
N LEU A 35 -6.09 6.79 -18.18
CA LEU A 35 -7.02 6.61 -19.27
C LEU A 35 -7.11 7.92 -20.03
N SER A 36 -6.70 7.95 -21.28
CA SER A 36 -6.65 9.19 -22.04
C SER A 36 -7.75 9.12 -23.07
N SER A 37 -8.67 10.04 -23.14
CA SER A 37 -9.77 9.93 -24.07
C SER A 37 -9.25 10.15 -25.50
N GLY A 38 -8.27 11.04 -25.77
CA GLY A 38 -7.65 11.17 -27.08
C GLY A 38 -7.04 9.82 -27.47
N ASP A 39 -6.41 9.06 -26.59
CA ASP A 39 -5.90 7.73 -26.96
C ASP A 39 -7.00 6.72 -27.25
N LEU A 40 -8.16 6.76 -26.60
CA LEU A 40 -9.25 5.85 -26.94
C LEU A 40 -9.77 6.13 -28.34
N LEU A 41 -9.82 7.40 -28.68
CA LEU A 41 -10.33 7.84 -29.95
C LEU A 41 -9.32 7.44 -31.01
N ARG A 42 -8.01 7.63 -30.81
CA ARG A 42 -7.02 7.18 -31.77
C ARG A 42 -7.09 5.68 -32.00
N ASP A 43 -7.20 4.89 -30.97
CA ASP A 43 -7.33 3.45 -31.10
C ASP A 43 -8.58 3.08 -31.88
N ASN A 44 -9.73 3.66 -31.62
CA ASN A 44 -10.95 3.32 -32.34
C ASN A 44 -10.81 3.63 -33.80
N MET A 45 -10.22 4.78 -34.10
CA MET A 45 -9.89 5.20 -35.44
C MET A 45 -8.94 4.23 -36.14
N LEU A 46 -7.84 3.88 -35.49
CA LEU A 46 -6.86 2.91 -35.99
C LEU A 46 -7.57 1.59 -36.29
N ARG A 47 -8.45 1.13 -35.43
CA ARG A 47 -9.17 -0.09 -35.66
C ARG A 47 -10.35 0.05 -36.61
N GLY A 48 -10.65 1.26 -37.11
CA GLY A 48 -11.79 1.47 -38.01
C GLY A 48 -13.13 0.98 -37.47
N THR A 49 -13.41 1.36 -36.25
CA THR A 49 -14.72 1.09 -35.68
C THR A 49 -15.64 2.23 -36.15
N GLU A 50 -16.97 2.10 -35.96
CA GLU A 50 -17.96 3.13 -36.25
C GLU A 50 -17.76 4.38 -35.43
N ILE A 51 -17.35 4.26 -34.15
CA ILE A 51 -17.06 5.47 -33.42
C ILE A 51 -15.77 6.04 -33.99
N GLY A 52 -14.83 5.21 -34.50
CA GLY A 52 -13.61 5.67 -35.16
C GLY A 52 -13.93 6.54 -36.40
N VAL A 53 -14.99 6.21 -37.14
CA VAL A 53 -15.38 6.97 -38.33
C VAL A 53 -16.05 8.29 -37.95
N LEU A 54 -16.96 8.20 -36.97
CA LEU A 54 -17.63 9.34 -36.38
C LEU A 54 -16.63 10.36 -35.87
N ALA A 55 -15.69 9.87 -35.03
CA ALA A 55 -14.71 10.69 -34.38
C ALA A 55 -13.82 11.39 -35.41
N LYS A 56 -13.20 10.67 -36.36
CA LYS A 56 -12.32 11.24 -37.39
C LYS A 56 -12.98 12.41 -38.14
N THR A 57 -14.29 12.31 -38.39
CA THR A 57 -15.11 13.35 -38.96
C THR A 57 -15.00 14.64 -38.16
N PHE A 58 -15.25 14.55 -36.84
CA PHE A 58 -15.23 15.70 -35.96
C PHE A 58 -13.84 16.19 -35.72
N ILE A 59 -12.93 15.30 -35.37
CA ILE A 59 -11.58 15.70 -35.13
C ILE A 59 -11.06 16.41 -36.35
N ASP A 60 -11.33 16.00 -37.59
CA ASP A 60 -10.87 16.75 -38.78
C ASP A 60 -11.40 18.16 -38.85
N GLN A 61 -12.61 18.37 -38.36
CA GLN A 61 -13.15 19.71 -38.29
C GLN A 61 -12.79 20.33 -36.93
N GLY A 62 -11.81 19.81 -36.18
CA GLY A 62 -11.38 20.29 -34.88
C GLY A 62 -12.47 20.47 -33.83
N LYS A 63 -13.52 19.64 -33.86
CA LYS A 63 -14.67 19.78 -32.99
C LYS A 63 -14.57 18.76 -31.87
N LEU A 64 -15.39 18.87 -30.83
CA LEU A 64 -15.47 17.88 -29.76
C LEU A 64 -16.46 16.82 -30.22
N ILE A 65 -16.17 15.55 -29.98
CA ILE A 65 -17.09 14.43 -30.23
C ILE A 65 -18.30 14.66 -29.31
N PRO A 66 -19.57 14.35 -29.63
CA PRO A 66 -20.71 14.68 -28.77
C PRO A 66 -20.55 14.03 -27.41
N ASP A 67 -21.07 14.66 -26.42
CA ASP A 67 -20.99 14.18 -25.07
C ASP A 67 -21.44 12.76 -24.79
N ASP A 68 -22.58 12.33 -25.31
CA ASP A 68 -23.08 10.98 -25.03
C ASP A 68 -22.19 9.91 -25.58
N VAL A 69 -21.52 10.18 -26.71
CA VAL A 69 -20.70 9.17 -27.35
C VAL A 69 -19.44 8.97 -26.54
N MET A 70 -18.85 10.15 -26.25
CA MET A 70 -17.62 10.23 -25.47
C MET A 70 -17.86 9.63 -24.07
N THR A 71 -18.99 9.96 -23.39
CA THR A 71 -19.29 9.42 -22.05
C THR A 71 -19.44 7.89 -22.07
N ARG A 72 -20.20 7.34 -23.03
CA ARG A 72 -20.36 5.88 -23.21
C ARG A 72 -19.07 5.15 -23.40
N LEU A 73 -18.23 5.69 -24.26
CA LEU A 73 -16.95 5.10 -24.51
C LEU A 73 -16.09 5.07 -23.25
N VAL A 74 -16.07 6.17 -22.47
CA VAL A 74 -15.22 6.26 -21.29
C VAL A 74 -15.78 5.35 -20.20
N LEU A 75 -17.09 5.38 -20.02
CA LEU A 75 -17.69 4.61 -18.95
C LEU A 75 -17.54 3.13 -19.21
N HIS A 76 -17.57 2.76 -20.47
CA HIS A 76 -17.34 1.38 -20.85
C HIS A 76 -15.94 0.99 -20.43
N GLU A 77 -14.91 1.78 -20.68
CA GLU A 77 -13.59 1.41 -20.25
C GLU A 77 -13.45 1.40 -18.76
N LEU A 78 -14.06 2.32 -18.01
CA LEU A 78 -13.87 2.34 -16.56
C LEU A 78 -14.44 1.14 -15.84
N LYS A 79 -15.43 0.52 -16.50
CA LYS A 79 -16.06 -0.69 -16.00
C LYS A 79 -15.04 -1.78 -15.73
N ASN A 80 -14.07 -1.81 -16.63
CA ASN A 80 -12.95 -2.74 -16.54
C ASN A 80 -11.92 -2.36 -15.51
N LEU A 81 -11.83 -1.08 -15.12
CA LEU A 81 -10.68 -0.62 -14.37
C LEU A 81 -10.96 -0.41 -12.92
N THR A 82 -12.12 -0.85 -12.42
CA THR A 82 -12.46 -0.55 -11.03
C THR A 82 -11.51 -1.06 -9.96
N GLN A 83 -10.67 -2.01 -10.29
CA GLN A 83 -9.75 -2.56 -9.31
C GLN A 83 -8.41 -1.82 -9.25
N TYR A 84 -8.28 -0.74 -10.00
CA TYR A 84 -7.04 0.01 -10.10
C TYR A 84 -7.26 1.43 -9.67
N ASN A 85 -6.18 2.07 -9.31
CA ASN A 85 -6.22 3.53 -9.20
C ASN A 85 -6.23 4.06 -10.63
N TRP A 86 -6.94 5.13 -10.96
CA TRP A 86 -6.81 5.71 -12.27
C TRP A 86 -6.69 7.22 -12.33
N LEU A 87 -6.10 7.67 -13.45
CA LEU A 87 -5.93 9.09 -13.74
C LEU A 87 -6.62 9.23 -15.08
N LEU A 88 -7.75 9.95 -15.14
CA LEU A 88 -8.47 10.27 -16.35
C LEU A 88 -7.83 11.49 -16.98
N ASP A 89 -7.65 11.55 -18.28
CA ASP A 89 -6.93 12.63 -18.94
C ASP A 89 -7.63 12.99 -20.22
N GLY A 90 -8.14 14.20 -20.30
CA GLY A 90 -8.87 14.67 -21.45
C GLY A 90 -10.37 14.50 -21.24
N PHE A 91 -10.84 13.78 -20.22
CA PHE A 91 -12.26 13.54 -19.96
C PHE A 91 -12.42 13.85 -18.47
N PRO A 92 -13.41 14.56 -17.93
CA PRO A 92 -14.40 15.33 -18.64
C PRO A 92 -13.86 16.60 -19.27
N ARG A 93 -14.38 16.90 -20.43
CA ARG A 93 -13.98 18.09 -21.14
C ARG A 93 -15.09 19.12 -21.07
N THR A 94 -16.34 18.63 -20.90
CA THR A 94 -17.46 19.54 -20.83
C THR A 94 -18.27 19.27 -19.58
N LEU A 95 -19.15 20.20 -19.19
CA LEU A 95 -19.92 20.00 -18.00
C LEU A 95 -20.90 18.88 -18.19
N PRO A 96 -21.64 18.55 -19.25
CA PRO A 96 -22.38 17.29 -19.29
C PRO A 96 -21.48 16.04 -19.10
N GLN A 97 -20.21 16.02 -19.47
CA GLN A 97 -19.38 14.85 -19.27
C GLN A 97 -19.07 14.77 -17.80
N ALA A 98 -18.74 15.86 -17.12
CA ALA A 98 -18.48 15.85 -15.68
C ALA A 98 -19.72 15.44 -14.88
N GLU A 99 -20.94 15.94 -15.13
CA GLU A 99 -22.15 15.51 -14.43
C GLU A 99 -22.47 14.04 -14.65
N ALA A 100 -22.29 13.56 -15.88
CA ALA A 100 -22.50 12.19 -16.19
C ALA A 100 -21.59 11.27 -15.43
N LEU A 101 -20.30 11.59 -15.44
CA LEU A 101 -19.31 10.82 -14.72
C LEU A 101 -19.68 10.74 -13.23
N ASP A 102 -20.12 11.84 -12.64
CA ASP A 102 -20.53 11.89 -11.22
C ASP A 102 -21.73 10.99 -10.88
N ARG A 103 -22.54 10.59 -11.87
CA ARG A 103 -23.61 9.66 -11.61
C ARG A 103 -23.12 8.24 -11.58
N ALA A 104 -21.91 7.95 -12.04
CA ALA A 104 -21.38 6.61 -12.09
C ALA A 104 -20.27 6.40 -11.06
N TYR A 105 -19.33 7.32 -10.86
CA TYR A 105 -18.20 7.09 -9.99
C TYR A 105 -17.93 8.34 -9.20
N GLN A 106 -17.57 8.23 -7.94
CA GLN A 106 -17.12 9.37 -7.16
C GLN A 106 -15.68 9.77 -7.51
N ILE A 107 -15.42 10.95 -8.06
CA ILE A 107 -14.08 11.47 -8.34
C ILE A 107 -13.63 12.25 -7.12
N ASP A 108 -12.48 11.76 -6.66
CA ASP A 108 -11.79 12.24 -5.47
C ASP A 108 -10.91 13.48 -5.66
N THR A 109 -10.19 13.64 -6.77
CA THR A 109 -9.26 14.76 -6.88
C THR A 109 -9.22 15.03 -8.38
N VAL A 110 -9.24 16.33 -8.71
CA VAL A 110 -9.06 16.78 -10.10
C VAL A 110 -7.83 17.68 -10.04
N ILE A 111 -6.78 17.43 -10.78
CA ILE A 111 -5.59 18.25 -10.81
C ILE A 111 -5.72 19.18 -11.99
N ASN A 112 -5.57 20.47 -11.74
CA ASN A 112 -5.65 21.42 -12.81
C ASN A 112 -4.32 22.14 -12.91
N LEU A 113 -3.70 22.23 -14.08
CA LEU A 113 -2.44 22.91 -14.27
C LEU A 113 -2.86 24.28 -14.81
N ASN A 114 -2.43 25.35 -14.20
CA ASN A 114 -2.81 26.67 -14.65
C ASN A 114 -1.54 27.38 -15.11
N VAL A 115 -1.30 27.51 -16.39
CA VAL A 115 -0.06 28.10 -16.91
C VAL A 115 -0.51 29.39 -17.63
N PRO A 116 0.18 30.53 -17.57
CA PRO A 116 -0.27 31.79 -18.19
C PRO A 116 -0.49 31.62 -19.73
N PHE A 117 -1.46 32.37 -20.25
CA PHE A 117 -1.85 32.31 -21.65
C PHE A 117 -0.68 32.55 -22.60
N GLU A 118 0.09 33.61 -22.36
CA GLU A 118 1.20 33.93 -23.23
C GLU A 118 2.25 32.83 -23.29
N VAL A 119 2.44 32.05 -22.21
CA VAL A 119 3.43 30.97 -22.17
C VAL A 119 2.90 29.84 -23.05
N ILE A 120 1.62 29.51 -22.90
CA ILE A 120 1.02 28.46 -23.69
C ILE A 120 1.00 28.87 -25.15
N LYS A 121 0.67 30.11 -25.44
CA LYS A 121 0.68 30.59 -26.81
C LYS A 121 2.07 30.50 -27.42
N GLN A 122 3.15 30.86 -26.70
CA GLN A 122 4.50 30.75 -27.21
C GLN A 122 4.83 29.29 -27.52
N ARG A 123 4.50 28.34 -26.66
CA ARG A 123 4.78 26.94 -26.95
C ARG A 123 4.16 26.39 -28.24
N LEU A 124 2.90 26.68 -28.40
CA LEU A 124 2.08 26.18 -29.47
C LEU A 124 2.35 26.86 -30.79
N THR A 125 2.99 28.01 -30.88
CA THR A 125 3.25 28.65 -32.17
C THR A 125 4.75 28.59 -32.49
N ALA A 126 5.55 27.78 -31.79
CA ALA A 126 6.97 27.76 -31.89
C ALA A 126 7.51 26.97 -33.08
N ARG A 127 6.73 26.12 -33.76
CA ARG A 127 7.28 25.22 -34.74
C ARG A 127 7.25 25.72 -36.17
N TRP A 128 8.38 25.59 -36.85
CA TRP A 128 8.55 26.02 -38.24
C TRP A 128 9.16 24.83 -38.95
N ILE A 129 8.92 24.66 -40.26
CA ILE A 129 9.39 23.52 -41.04
C ILE A 129 10.11 24.06 -42.26
N HIS A 130 11.22 23.46 -42.65
CA HIS A 130 11.77 23.70 -44.00
C HIS A 130 11.14 22.65 -44.94
N PRO A 131 10.25 23.02 -45.89
CA PRO A 131 9.39 22.07 -46.59
C PRO A 131 10.25 21.07 -47.35
N GLY A 132 11.29 21.54 -48.00
CA GLY A 132 12.11 20.66 -48.80
C GLY A 132 12.81 19.53 -48.05
N SER A 133 13.24 19.68 -46.81
CA SER A 133 14.05 18.63 -46.23
C SER A 133 13.29 17.98 -45.10
N GLY A 134 12.21 18.62 -44.63
CA GLY A 134 11.51 18.14 -43.44
C GLY A 134 12.15 18.66 -42.14
N ARG A 135 13.19 19.52 -42.21
CA ARG A 135 13.86 20.05 -41.02
C ARG A 135 12.91 20.85 -40.19
N VAL A 136 12.87 20.59 -38.90
CA VAL A 136 11.97 21.24 -37.97
C VAL A 136 12.83 22.20 -37.15
N TYR A 137 12.34 23.39 -36.83
CA TYR A 137 12.99 24.36 -35.96
C TYR A 137 11.93 24.71 -34.93
N ASN A 138 12.29 24.82 -33.67
CA ASN A 138 11.33 25.14 -32.68
C ASN A 138 11.96 26.37 -32.11
N ILE A 139 11.20 27.43 -32.03
CA ILE A 139 11.72 28.69 -31.57
C ILE A 139 12.23 28.62 -30.14
N GLU A 140 11.65 27.77 -29.29
CA GLU A 140 12.12 27.62 -27.93
C GLU A 140 13.37 26.75 -27.75
N PHE A 141 13.65 25.78 -28.61
CA PHE A 141 14.68 24.79 -28.37
C PHE A 141 15.77 24.84 -29.40
N ASN A 142 15.49 25.07 -30.69
CA ASN A 142 16.53 25.16 -31.69
C ASN A 142 16.07 26.18 -32.72
N PRO A 143 16.08 27.46 -32.40
CA PRO A 143 15.71 28.52 -33.35
C PRO A 143 16.63 28.56 -34.54
N PRO A 144 16.24 28.88 -35.78
CA PRO A 144 17.16 29.13 -36.87
C PRO A 144 17.99 30.37 -36.49
N LYS A 145 19.17 30.38 -37.10
CA LYS A 145 20.13 31.49 -37.08
C LYS A 145 19.48 32.79 -37.60
N THR A 146 18.72 32.78 -38.70
CA THR A 146 17.96 33.93 -39.14
C THR A 146 16.51 33.46 -39.15
N MET A 147 15.63 34.18 -38.46
CA MET A 147 14.22 33.86 -38.34
C MET A 147 13.52 33.61 -39.66
N GLY A 148 12.67 32.59 -39.77
CA GLY A 148 11.96 32.24 -41.00
C GLY A 148 12.87 31.69 -42.14
N ILE A 149 14.16 31.44 -41.91
CA ILE A 149 15.13 30.96 -42.88
C ILE A 149 15.74 29.64 -42.43
N ASP A 150 15.81 28.67 -43.36
CA ASP A 150 16.51 27.42 -43.12
C ASP A 150 18.01 27.69 -43.00
N ASP A 151 18.65 27.25 -41.93
CA ASP A 151 20.08 27.41 -41.78
C ASP A 151 20.94 26.94 -42.93
N LEU A 152 20.67 25.76 -43.47
CA LEU A 152 21.56 25.22 -44.46
C LEU A 152 21.36 25.69 -45.88
N THR A 153 20.15 26.11 -46.22
CA THR A 153 19.95 26.48 -47.59
C THR A 153 19.63 27.93 -47.77
N GLY A 154 19.29 28.65 -46.70
CA GLY A 154 18.81 30.03 -46.83
C GLY A 154 17.35 30.08 -47.33
N GLU A 155 16.67 28.96 -47.55
CA GLU A 155 15.31 29.00 -48.06
C GLU A 155 14.26 29.25 -46.98
N PRO A 156 13.07 29.79 -47.27
CA PRO A 156 12.16 30.18 -46.23
C PRO A 156 11.55 28.96 -45.56
N LEU A 157 11.25 29.13 -44.29
CA LEU A 157 10.56 28.17 -43.44
C LEU A 157 9.08 28.55 -43.50
N VAL A 158 8.21 27.60 -43.23
CA VAL A 158 6.80 27.85 -43.22
C VAL A 158 6.27 27.31 -41.88
N GLN A 159 5.05 27.71 -41.52
CA GLN A 159 4.28 27.24 -40.37
C GLN A 159 2.96 26.75 -40.85
N ARG A 160 2.53 25.62 -40.27
CA ARG A 160 1.20 25.08 -40.53
C ARG A 160 0.20 26.08 -40.02
N GLU A 161 -0.94 26.05 -40.67
CA GLU A 161 -2.07 26.86 -40.27
C GLU A 161 -2.41 26.58 -38.80
N ASP A 162 -2.35 25.33 -38.33
CA ASP A 162 -2.66 25.01 -36.92
C ASP A 162 -1.75 25.71 -35.96
N ASP A 163 -0.55 26.10 -36.37
CA ASP A 163 0.47 26.62 -35.50
C ASP A 163 0.57 28.09 -35.57
N ARG A 164 -0.30 28.69 -36.37
CA ARG A 164 -0.29 30.11 -36.52
C ARG A 164 -0.87 30.77 -35.29
N PRO A 165 -0.40 31.92 -34.83
CA PRO A 165 -0.94 32.60 -33.65
C PRO A 165 -2.48 32.79 -33.54
N GLU A 166 -3.12 33.30 -34.60
CA GLU A 166 -4.55 33.45 -34.63
C GLU A 166 -5.30 32.12 -34.44
N THR A 167 -4.88 30.99 -35.04
CA THR A 167 -5.49 29.68 -34.89
C THR A 167 -5.35 29.21 -33.45
N VAL A 168 -4.14 29.34 -32.91
CA VAL A 168 -3.82 28.92 -31.56
C VAL A 168 -4.69 29.75 -30.63
N VAL A 169 -4.79 31.07 -30.76
CA VAL A 169 -5.62 31.86 -29.86
C VAL A 169 -7.06 31.38 -29.80
N LYS A 170 -7.54 31.04 -30.98
CA LYS A 170 -8.86 30.56 -31.16
C LYS A 170 -9.06 29.25 -30.43
N ARG A 171 -8.14 28.30 -30.54
CA ARG A 171 -8.18 27.01 -29.84
C ARG A 171 -8.17 27.17 -28.30
N LEU A 172 -7.40 28.11 -27.79
CA LEU A 172 -7.27 28.33 -26.38
C LEU A 172 -8.51 28.95 -25.87
N LYS A 173 -9.08 29.94 -26.56
CA LYS A 173 -10.32 30.53 -26.09
C LYS A 173 -11.42 29.48 -26.07
N ALA A 174 -11.52 28.58 -27.04
CA ALA A 174 -12.51 27.50 -27.05
C ALA A 174 -12.31 26.51 -25.91
N TYR A 175 -11.07 26.05 -25.69
CA TYR A 175 -10.75 25.19 -24.56
C TYR A 175 -11.21 25.92 -23.29
N GLU A 176 -10.85 27.18 -23.06
CA GLU A 176 -11.30 27.89 -21.87
C GLU A 176 -12.80 27.92 -21.69
N ALA A 177 -13.50 28.16 -22.78
CA ALA A 177 -14.92 28.31 -22.71
C ALA A 177 -15.54 27.01 -22.27
N GLN A 178 -14.97 25.94 -22.82
CA GLN A 178 -15.42 24.59 -22.56
C GLN A 178 -15.17 24.14 -21.14
N THR A 179 -13.96 24.36 -20.66
CA THR A 179 -13.60 23.74 -19.43
C THR A 179 -13.83 24.65 -18.25
N GLU A 180 -13.97 25.97 -18.42
CA GLU A 180 -14.27 26.83 -17.29
C GLU A 180 -15.47 26.39 -16.46
N PRO A 181 -16.61 25.97 -17.02
CA PRO A 181 -17.72 25.39 -16.27
C PRO A 181 -17.36 24.11 -15.51
N VAL A 182 -16.47 23.29 -16.08
CA VAL A 182 -15.98 22.05 -15.47
C VAL A 182 -15.16 22.36 -14.25
N LEU A 183 -14.21 23.29 -14.33
CA LEU A 183 -13.44 23.66 -13.15
C LEU A 183 -14.27 24.19 -11.99
N GLU A 184 -15.27 25.00 -12.29
CA GLU A 184 -16.18 25.62 -11.34
C GLU A 184 -17.02 24.55 -10.62
N TYR A 185 -17.44 23.57 -11.41
CA TYR A 185 -18.16 22.36 -10.95
C TYR A 185 -17.27 21.59 -9.98
N TYR A 186 -16.01 21.28 -10.25
CA TYR A 186 -15.19 20.60 -9.29
C TYR A 186 -14.77 21.44 -8.10
N ARG A 187 -14.67 22.74 -8.36
CA ARG A 187 -14.38 23.70 -7.32
C ARG A 187 -15.56 23.71 -6.34
N LYS A 188 -16.86 23.74 -6.71
CA LYS A 188 -17.96 23.67 -5.75
C LYS A 188 -17.90 22.34 -4.99
N LYS A 189 -17.52 21.22 -5.65
CA LYS A 189 -17.34 19.91 -5.02
C LYS A 189 -16.15 19.85 -4.08
N GLY A 190 -15.23 20.81 -4.10
CA GLY A 190 -14.12 20.86 -3.19
C GLY A 190 -13.12 19.82 -3.55
N VAL A 191 -13.09 19.36 -4.81
CA VAL A 191 -12.13 18.34 -5.18
C VAL A 191 -11.06 18.89 -6.12
N LEU A 192 -11.12 20.18 -6.52
CA LEU A 192 -10.17 20.75 -7.45
C LEU A 192 -8.91 21.21 -6.77
N GLU A 193 -7.77 20.75 -7.28
CA GLU A 193 -6.41 21.08 -6.85
C GLU A 193 -5.64 21.80 -7.98
N THR A 194 -5.37 23.07 -7.91
CA THR A 194 -4.79 23.82 -9.00
C THR A 194 -3.33 24.04 -8.75
N PHE A 195 -2.50 23.78 -9.76
CA PHE A 195 -1.05 23.95 -9.65
C PHE A 195 -0.73 25.00 -10.70
N SER A 196 -0.12 26.12 -10.32
CA SER A 196 0.16 27.24 -11.22
C SER A 196 1.64 27.36 -11.42
N GLY A 197 2.06 27.69 -12.64
CA GLY A 197 3.47 27.77 -12.95
C GLY A 197 3.72 28.15 -14.38
N THR A 198 4.97 28.48 -14.68
CA THR A 198 5.33 28.83 -16.04
C THR A 198 6.25 27.78 -16.57
N GLU A 199 6.85 26.94 -15.75
CA GLU A 199 7.66 25.90 -16.30
C GLU A 199 7.18 24.60 -15.71
N THR A 200 7.12 23.56 -16.50
CA THR A 200 6.69 22.27 -16.04
C THR A 200 7.55 21.70 -14.92
N ASN A 201 8.87 21.98 -14.91
CA ASN A 201 9.74 21.40 -13.88
C ASN A 201 9.65 22.08 -12.55
N LYS A 202 9.13 23.29 -12.51
CA LYS A 202 8.81 23.93 -11.24
C LYS A 202 7.43 23.46 -10.72
N ILE A 203 6.49 22.98 -11.53
CA ILE A 203 5.14 22.57 -11.13
C ILE A 203 5.23 21.14 -10.67
N TRP A 204 5.91 20.27 -11.43
CA TRP A 204 6.00 18.86 -11.13
C TRP A 204 6.34 18.56 -9.67
N PRO A 205 7.34 19.11 -8.94
CA PRO A 205 7.63 18.78 -7.56
C PRO A 205 6.35 18.86 -6.73
N HIS A 206 5.54 19.91 -6.91
CA HIS A 206 4.31 20.09 -6.16
C HIS A 206 3.25 19.05 -6.45
N VAL A 207 3.05 18.67 -7.70
CA VAL A 207 2.10 17.66 -8.03
C VAL A 207 2.57 16.32 -7.45
N TYR A 208 3.85 16.04 -7.53
CA TYR A 208 4.49 14.83 -7.00
C TYR A 208 4.30 14.75 -5.50
N ALA A 209 4.58 15.83 -4.76
CA ALA A 209 4.42 15.87 -3.31
C ALA A 209 2.95 15.68 -2.96
N PHE A 210 2.01 16.27 -3.74
CA PHE A 210 0.59 16.15 -3.51
C PHE A 210 0.14 14.72 -3.76
N LEU A 211 0.48 13.99 -4.81
CA LEU A 211 -0.01 12.65 -5.00
C LEU A 211 0.65 11.64 -4.05
N GLN A 212 1.86 11.89 -3.58
CA GLN A 212 2.55 11.02 -2.66
C GLN A 212 1.76 10.92 -1.34
N THR A 213 1.02 11.97 -0.94
CA THR A 213 0.12 11.89 0.21
C THR A 213 -1.07 10.93 -0.09
N LYS A 214 -1.37 10.67 -1.37
CA LYS A 214 -2.53 9.91 -1.79
C LYS A 214 -2.24 8.51 -2.24
N LEU A 215 -1.08 8.15 -2.78
CA LEU A 215 -1.00 6.80 -3.37
C LEU A 215 0.38 6.10 -3.50
N PRO A 216 0.39 4.78 -3.89
CA PRO A 216 1.58 3.95 -3.94
C PRO A 216 2.52 4.24 -5.08
N GLN A 217 3.71 4.67 -4.61
CA GLN A 217 4.83 4.89 -5.50
C GLN A 217 5.10 3.51 -6.05
N ARG A 218 5.28 3.48 -7.37
CA ARG A 218 5.49 2.25 -8.07
C ARG A 218 6.79 1.69 -7.55
N SER A 219 6.76 0.42 -7.13
CA SER A 219 7.93 -0.18 -6.52
C SER A 219 9.21 -0.18 -7.32
N GLN A 220 9.87 0.82 -6.71
CA GLN A 220 11.27 1.15 -6.81
C GLN A 220 12.09 1.25 -8.10
N GLU A 221 11.66 1.52 -9.36
CA GLU A 221 12.68 1.58 -10.42
C GLU A 221 13.42 2.92 -10.34
N THR A 222 14.50 2.89 -9.56
CA THR A 222 15.43 3.99 -9.34
C THR A 222 16.36 4.05 -10.57
N SER A 223 15.87 4.46 -11.75
CA SER A 223 16.73 4.50 -12.92
C SER A 223 17.24 5.91 -13.33
N VAL A 224 18.17 6.15 -12.43
CA VAL A 224 19.15 7.21 -12.27
C VAL A 224 19.52 6.73 -10.86
N THR A 225 20.57 5.96 -11.07
CA THR A 225 21.22 5.24 -9.99
C THR A 225 22.41 6.05 -9.44
N PRO A 226 22.64 7.26 -9.95
CA PRO A 226 22.68 8.47 -9.13
C PRO A 226 21.55 8.71 -8.10
N GLY B 1 1.13 -36.44 54.33
CA GLY B 1 -0.28 -36.29 54.63
C GLY B 1 -0.84 -35.76 53.32
N ALA B 2 -2.18 -35.74 53.14
CA ALA B 2 -2.79 -35.33 51.86
C ALA B 2 -2.90 -33.92 51.19
N SER B 3 -1.88 -33.05 50.96
CA SER B 3 -1.98 -31.81 50.14
C SER B 3 -0.63 -31.12 49.81
N ALA B 4 -0.64 -30.53 48.59
CA ALA B 4 0.39 -29.72 47.91
C ALA B 4 -0.34 -28.84 46.87
N ARG B 5 0.17 -27.69 46.43
CA ARG B 5 -0.58 -26.78 45.56
C ARG B 5 0.06 -26.61 44.18
N LEU B 6 -0.41 -27.30 43.11
CA LEU B 6 0.20 -27.13 41.78
C LEU B 6 -0.31 -25.89 41.04
N LEU B 7 0.54 -25.25 40.29
CA LEU B 7 0.23 -24.07 39.51
C LEU B 7 -0.43 -24.44 38.15
N ARG B 8 -1.51 -23.76 37.76
CA ARG B 8 -2.18 -23.95 36.49
C ARG B 8 -2.06 -22.54 35.99
N ALA B 9 -1.29 -22.29 34.95
CA ALA B 9 -1.02 -20.96 34.50
C ALA B 9 -1.00 -20.87 32.99
N ALA B 10 -1.04 -19.66 32.48
CA ALA B 10 -0.96 -19.39 31.07
C ALA B 10 0.01 -18.22 30.84
N ILE B 11 0.71 -18.14 29.72
CA ILE B 11 1.50 -16.97 29.41
C ILE B 11 0.99 -16.46 28.09
N MET B 12 0.85 -15.12 28.00
CA MET B 12 0.29 -14.43 26.84
C MET B 12 1.25 -13.34 26.43
N GLY B 13 1.29 -13.07 25.13
CA GLY B 13 2.18 -12.03 24.66
C GLY B 13 2.09 -11.99 23.16
N ALA B 14 2.20 -10.79 22.60
CA ALA B 14 2.17 -10.58 21.15
C ALA B 14 3.36 -11.26 20.43
N PRO B 15 3.29 -11.61 19.12
CA PRO B 15 4.48 -12.05 18.39
C PRO B 15 5.56 -10.98 18.52
N GLY B 16 6.81 -11.36 18.73
CA GLY B 16 7.84 -10.35 18.81
C GLY B 16 7.95 -9.81 20.23
N SER B 17 7.14 -10.22 21.24
CA SER B 17 7.25 -9.67 22.57
C SER B 17 8.30 -10.38 23.41
N GLY B 18 9.01 -11.39 22.95
CA GLY B 18 10.00 -12.12 23.72
C GLY B 18 9.36 -13.25 24.49
N LYS B 19 8.05 -13.51 24.30
CA LYS B 19 7.32 -14.55 25.03
C LYS B 19 7.97 -15.90 24.81
N GLY B 20 8.52 -16.19 23.64
CA GLY B 20 9.19 -17.44 23.42
C GLY B 20 10.42 -17.53 24.30
N THR B 21 11.29 -16.52 24.44
CA THR B 21 12.44 -16.59 25.32
C THR B 21 11.97 -16.71 26.79
N VAL B 22 10.94 -15.95 27.25
CA VAL B 22 10.53 -16.03 28.64
C VAL B 22 9.93 -17.41 28.94
N SER B 23 9.14 -18.05 28.06
CA SER B 23 8.66 -19.41 28.24
C SER B 23 9.77 -20.39 28.41
N SER B 24 10.82 -20.34 27.58
CA SER B 24 11.96 -21.24 27.69
C SER B 24 12.67 -21.00 29.01
N ARG B 25 12.92 -19.74 29.42
CA ARG B 25 13.56 -19.49 30.69
C ARG B 25 12.72 -19.97 31.85
N ILE B 26 11.39 -19.90 31.76
CA ILE B 26 10.56 -20.41 32.83
C ILE B 26 10.68 -21.89 32.91
N THR B 27 10.64 -22.54 31.78
CA THR B 27 10.82 -23.97 31.76
C THR B 27 12.20 -24.37 32.30
N LYS B 28 13.33 -23.76 31.94
CA LYS B 28 14.64 -24.11 32.49
C LYS B 28 14.74 -23.88 33.97
N HIS B 29 14.10 -22.88 34.55
CA HIS B 29 14.31 -22.56 35.94
C HIS B 29 13.26 -23.05 36.88
N PHE B 30 12.05 -23.44 36.45
CA PHE B 30 11.04 -23.86 37.40
C PHE B 30 10.55 -25.19 36.93
N GLU B 31 10.03 -25.91 37.92
CA GLU B 31 9.47 -27.24 37.66
C GLU B 31 8.00 -27.15 37.20
N LEU B 32 7.83 -27.16 35.88
CA LEU B 32 6.52 -27.17 35.28
C LEU B 32 6.58 -27.76 33.89
N LYS B 33 5.42 -28.17 33.40
CA LYS B 33 5.39 -28.68 32.06
C LYS B 33 4.90 -27.50 31.24
N HIS B 34 5.46 -27.34 30.05
CA HIS B 34 5.10 -26.29 29.12
C HIS B 34 4.24 -26.88 28.00
N LEU B 35 3.04 -26.39 27.77
CA LEU B 35 2.20 -26.88 26.70
C LEU B 35 1.98 -25.72 25.74
N SER B 36 2.43 -25.91 24.51
CA SER B 36 2.23 -24.97 23.47
C SER B 36 1.11 -25.46 22.55
N SER B 37 0.10 -24.65 22.25
CA SER B 37 -0.98 -25.12 21.36
C SER B 37 -0.46 -25.32 19.91
N GLY B 38 0.47 -24.47 19.44
CA GLY B 38 1.11 -24.55 18.12
C GLY B 38 1.79 -25.90 17.95
N ASP B 39 2.52 -26.33 18.98
CA ASP B 39 3.18 -27.64 18.93
C ASP B 39 2.22 -28.79 18.89
N LEU B 40 1.11 -28.77 19.67
CA LEU B 40 0.07 -29.82 19.63
C LEU B 40 -0.49 -29.97 18.24
N LEU B 41 -0.71 -28.83 17.60
CA LEU B 41 -1.25 -28.82 16.25
C LEU B 41 -0.23 -29.35 15.26
N ARG B 42 1.07 -28.95 15.34
CA ARG B 42 2.07 -29.46 14.40
C ARG B 42 2.22 -30.97 14.57
N ASP B 43 2.20 -31.45 15.82
CA ASP B 43 2.24 -32.87 16.08
C ASP B 43 1.06 -33.59 15.46
N ASN B 44 -0.16 -33.06 15.58
CA ASN B 44 -1.31 -33.71 14.99
C ASN B 44 -1.22 -33.70 13.50
N MET B 45 -0.70 -32.61 12.92
CA MET B 45 -0.57 -32.53 11.47
C MET B 45 0.42 -33.54 10.97
N LEU B 46 1.56 -33.64 11.66
CA LEU B 46 2.64 -34.55 11.30
C LEU B 46 2.09 -35.97 11.28
N ARG B 47 1.35 -36.30 12.34
CA ARG B 47 0.81 -37.63 12.47
C ARG B 47 -0.43 -37.79 11.60
N GLY B 48 -0.98 -36.72 11.07
CA GLY B 48 -2.12 -36.85 10.21
C GLY B 48 -3.33 -37.39 10.96
N THR B 49 -3.56 -36.99 12.20
CA THR B 49 -4.80 -37.39 12.85
C THR B 49 -6.00 -36.64 12.19
N GLU B 50 -7.22 -36.93 12.59
CA GLU B 50 -8.35 -36.28 12.00
C GLU B 50 -8.30 -34.80 12.34
N ILE B 51 -7.90 -34.41 13.57
CA ILE B 51 -7.83 -32.99 13.89
C ILE B 51 -6.62 -32.42 13.12
N GLY B 52 -5.54 -33.18 12.89
CA GLY B 52 -4.39 -32.70 12.13
C GLY B 52 -4.76 -32.41 10.68
N VAL B 53 -5.60 -33.24 10.03
CA VAL B 53 -5.96 -32.97 8.64
C VAL B 53 -6.79 -31.68 8.56
N LEU B 54 -7.72 -31.52 9.48
CA LEU B 54 -8.56 -30.36 9.56
C LEU B 54 -7.79 -29.08 9.86
N ALA B 55 -6.86 -29.20 10.78
CA ALA B 55 -5.97 -28.13 11.27
C ALA B 55 -5.17 -27.59 10.09
N LYS B 56 -4.63 -28.54 9.31
CA LYS B 56 -3.81 -28.20 8.16
C LYS B 56 -4.61 -27.34 7.19
N THR B 57 -5.88 -27.68 6.99
CA THR B 57 -6.75 -26.93 6.11
C THR B 57 -6.81 -25.47 6.53
N PHE B 58 -6.89 -25.19 7.83
CA PHE B 58 -6.95 -23.81 8.27
C PHE B 58 -5.60 -23.13 8.29
N ILE B 59 -4.58 -23.78 8.85
CA ILE B 59 -3.25 -23.19 8.94
C ILE B 59 -2.70 -22.87 7.53
N ASP B 60 -2.93 -23.72 6.53
CA ASP B 60 -2.51 -23.44 5.15
C ASP B 60 -3.05 -22.15 4.56
N GLN B 61 -4.15 -21.63 5.12
CA GLN B 61 -4.75 -20.42 4.61
C GLN B 61 -4.54 -19.28 5.57
N GLY B 62 -3.66 -19.53 6.54
CA GLY B 62 -3.33 -18.63 7.63
C GLY B 62 -4.54 -18.34 8.53
N LYS B 63 -5.39 -19.33 8.79
CA LYS B 63 -6.58 -19.04 9.56
C LYS B 63 -6.40 -19.69 10.94
N LEU B 64 -7.02 -19.13 11.98
CA LEU B 64 -7.07 -19.77 13.29
C LEU B 64 -7.95 -21.02 13.17
N ILE B 65 -7.57 -22.02 13.95
CA ILE B 65 -8.38 -23.21 14.19
C ILE B 65 -9.70 -22.77 14.89
N PRO B 66 -10.91 -23.31 14.59
CA PRO B 66 -12.14 -23.13 15.36
C PRO B 66 -11.95 -23.37 16.85
N ASP B 67 -12.57 -22.50 17.62
CA ASP B 67 -12.42 -22.48 19.04
C ASP B 67 -12.75 -23.80 19.66
N ASP B 68 -13.82 -24.48 19.23
CA ASP B 68 -14.22 -25.73 19.84
C ASP B 68 -13.24 -26.85 19.53
N VAL B 69 -12.64 -26.87 18.36
CA VAL B 69 -11.67 -27.89 17.99
C VAL B 69 -10.39 -27.74 18.83
N MET B 70 -9.89 -26.49 18.88
CA MET B 70 -8.71 -26.15 19.63
C MET B 70 -8.91 -26.47 21.11
N THR B 71 -10.03 -26.08 21.72
CA THR B 71 -10.29 -26.35 23.15
C THR B 71 -10.30 -27.86 23.44
N ARG B 72 -10.93 -28.68 22.59
CA ARG B 72 -11.03 -30.13 22.81
C ARG B 72 -9.66 -30.71 22.77
N LEU B 73 -8.84 -30.22 21.85
CA LEU B 73 -7.49 -30.72 21.72
C LEU B 73 -6.69 -30.36 22.96
N VAL B 74 -6.76 -29.14 23.49
CA VAL B 74 -6.02 -28.79 24.70
C VAL B 74 -6.54 -29.56 25.92
N LEU B 75 -7.86 -29.71 26.13
CA LEU B 75 -8.34 -30.34 27.35
C LEU B 75 -8.00 -31.82 27.44
N HIS B 76 -7.87 -32.41 26.26
CA HIS B 76 -7.47 -33.80 26.12
C HIS B 76 -6.05 -34.02 26.63
N GLU B 77 -5.21 -33.09 26.24
CA GLU B 77 -3.83 -33.08 26.63
C GLU B 77 -3.73 -32.71 28.11
N LEU B 78 -4.52 -31.83 28.69
CA LEU B 78 -4.36 -31.44 30.10
C LEU B 78 -4.71 -32.54 31.08
N LYS B 79 -5.56 -33.47 30.63
CA LYS B 79 -5.89 -34.71 31.37
C LYS B 79 -4.61 -35.39 31.83
N ASN B 80 -3.60 -35.40 30.95
CA ASN B 80 -2.32 -36.05 31.22
C ASN B 80 -1.38 -35.29 32.13
N LEU B 81 -1.68 -34.08 32.57
CA LEU B 81 -0.67 -33.31 33.22
C LEU B 81 -1.11 -32.95 34.60
N THR B 82 -2.05 -33.68 35.17
CA THR B 82 -2.57 -33.20 36.47
C THR B 82 -1.68 -33.42 37.68
N GLN B 83 -0.56 -34.15 37.56
CA GLN B 83 0.39 -34.36 38.66
C GLN B 83 1.45 -33.25 38.72
N TYR B 84 1.43 -32.36 37.70
CA TYR B 84 2.44 -31.34 37.45
C TYR B 84 1.91 -29.94 37.52
N ASN B 85 2.83 -29.03 37.73
CA ASN B 85 2.55 -27.63 37.53
C ASN B 85 2.53 -27.47 36.00
N TRP B 86 1.63 -26.63 35.40
CA TRP B 86 1.76 -26.43 33.97
C TRP B 86 1.48 -25.01 33.56
N LEU B 87 2.00 -24.73 32.37
CA LEU B 87 1.95 -23.42 31.73
C LEU B 87 1.48 -23.60 30.30
N LEU B 88 0.34 -22.99 29.99
CA LEU B 88 -0.24 -23.00 28.66
C LEU B 88 0.35 -21.88 27.87
N ASP B 89 0.70 -22.15 26.63
CA ASP B 89 1.32 -21.16 25.81
C ASP B 89 0.72 -21.16 24.42
N GLY B 90 0.06 -20.08 24.04
CA GLY B 90 -0.63 -20.01 22.75
C GLY B 90 -2.12 -20.29 22.92
N PHE B 91 -2.60 -20.68 24.10
CA PHE B 91 -4.00 -20.95 24.32
C PHE B 91 -4.26 -20.37 25.68
N PRO B 92 -5.32 -19.64 26.02
CA PRO B 92 -6.38 -19.21 25.14
C PRO B 92 -5.96 -18.08 24.22
N ARG B 93 -6.40 -18.08 23.00
CA ARG B 93 -6.06 -17.04 22.08
C ARG B 93 -7.30 -16.19 21.87
N THR B 94 -8.50 -16.68 22.16
CA THR B 94 -9.71 -15.91 21.92
C THR B 94 -10.57 -15.97 23.17
N LEU B 95 -11.49 -15.02 23.38
CA LEU B 95 -12.37 -15.06 24.53
C LEU B 95 -13.20 -16.37 24.60
N PRO B 96 -13.84 -17.01 23.60
CA PRO B 96 -14.54 -18.28 23.76
C PRO B 96 -13.57 -19.33 24.28
N GLN B 97 -12.29 -19.37 23.84
CA GLN B 97 -11.32 -20.30 24.37
C GLN B 97 -11.08 -20.05 25.88
N ALA B 98 -10.91 -18.81 26.30
CA ALA B 98 -10.71 -18.49 27.71
C ALA B 98 -11.94 -18.88 28.53
N GLU B 99 -13.20 -18.66 28.04
CA GLU B 99 -14.41 -19.07 28.76
C GLU B 99 -14.55 -20.56 28.87
N ALA B 100 -14.30 -21.26 27.80
CA ALA B 100 -14.32 -22.67 27.85
C ALA B 100 -13.26 -23.27 28.73
N LEU B 101 -12.03 -22.75 28.75
CA LEU B 101 -11.01 -23.27 29.63
C LEU B 101 -11.41 -23.08 31.09
N ASP B 102 -12.05 -21.95 31.42
CA ASP B 102 -12.50 -21.65 32.77
C ASP B 102 -13.62 -22.60 33.28
N ARG B 103 -14.40 -23.15 32.36
CA ARG B 103 -15.40 -24.14 32.69
C ARG B 103 -14.79 -25.50 32.94
N ALA B 104 -13.52 -25.74 32.57
CA ALA B 104 -12.93 -27.04 32.73
C ALA B 104 -11.83 -27.07 33.77
N TYR B 105 -10.99 -26.03 33.93
CA TYR B 105 -9.91 -26.02 34.87
C TYR B 105 -9.88 -24.64 35.45
N GLN B 106 -9.52 -24.66 36.71
CA GLN B 106 -9.27 -23.46 37.50
C GLN B 106 -7.87 -22.88 37.13
N ILE B 107 -7.75 -21.71 36.51
CA ILE B 107 -6.47 -21.11 36.11
C ILE B 107 -6.12 -20.10 37.18
N ASP B 108 -4.94 -20.31 37.77
CA ASP B 108 -4.43 -19.52 38.85
C ASP B 108 -3.83 -18.18 38.50
N THR B 109 -3.10 -18.12 37.39
CA THR B 109 -2.33 -16.94 37.12
C THR B 109 -2.09 -16.94 35.64
N VAL B 110 -2.22 -15.76 35.06
CA VAL B 110 -1.97 -15.54 33.64
C VAL B 110 -0.93 -14.44 33.56
N ILE B 111 0.25 -14.77 33.02
CA ILE B 111 1.34 -13.84 32.83
C ILE B 111 1.15 -13.14 31.49
N ASN B 112 1.19 -11.81 31.44
CA ASN B 112 1.07 -11.11 30.16
C ASN B 112 2.29 -10.22 29.99
N LEU B 113 2.91 -10.27 28.82
CA LEU B 113 4.11 -9.46 28.56
C LEU B 113 3.65 -8.23 27.85
N ASN B 114 3.99 -7.04 28.29
CA ASN B 114 3.43 -5.84 27.68
C ASN B 114 4.60 -5.01 27.20
N VAL B 115 4.82 -5.02 25.90
CA VAL B 115 6.01 -4.49 25.28
C VAL B 115 5.47 -3.49 24.30
N PRO B 116 5.98 -2.27 24.18
CA PRO B 116 5.44 -1.28 23.27
C PRO B 116 5.33 -1.75 21.80
N PHE B 117 4.29 -1.35 21.09
CA PHE B 117 4.05 -1.66 19.67
C PHE B 117 5.26 -1.40 18.76
N GLU B 118 5.82 -0.21 18.92
CA GLU B 118 6.96 0.21 18.15
C GLU B 118 8.14 -0.72 18.28
N VAL B 119 8.37 -1.13 19.51
CA VAL B 119 9.45 -2.05 19.77
C VAL B 119 9.18 -3.43 19.12
N ILE B 120 7.99 -4.03 19.25
CA ILE B 120 7.69 -5.31 18.69
C ILE B 120 7.82 -5.24 17.17
N LYS B 121 7.26 -4.16 16.63
CA LYS B 121 7.27 -3.91 15.19
C LYS B 121 8.71 -3.84 14.68
N GLN B 122 9.64 -3.15 15.33
CA GLN B 122 11.03 -3.13 14.90
C GLN B 122 11.59 -4.56 14.97
N ARG B 123 11.27 -5.35 16.00
CA ARG B 123 11.83 -6.69 16.11
C ARG B 123 11.29 -7.55 15.01
N LEU B 124 10.01 -7.48 14.71
CA LEU B 124 9.45 -8.32 13.69
C LEU B 124 9.80 -7.95 12.24
N THR B 125 10.29 -6.73 11.94
CA THR B 125 10.69 -6.34 10.60
C THR B 125 12.22 -6.26 10.50
N ALA B 126 13.03 -6.81 11.41
CA ALA B 126 14.50 -6.66 11.42
C ALA B 126 15.27 -7.48 10.39
N ARG B 127 14.69 -8.53 9.79
CA ARG B 127 15.39 -9.42 8.88
C ARG B 127 15.30 -9.03 7.41
N TRP B 128 16.47 -9.07 6.76
CA TRP B 128 16.70 -8.69 5.38
C TRP B 128 17.62 -9.75 4.82
N ILE B 129 17.48 -10.04 3.53
CA ILE B 129 18.19 -11.11 2.85
C ILE B 129 18.81 -10.47 1.62
N HIS B 130 20.00 -10.89 1.28
CA HIS B 130 20.59 -10.50 0.03
C HIS B 130 20.23 -11.71 -0.85
N PRO B 131 19.38 -11.58 -1.86
CA PRO B 131 18.96 -12.70 -2.72
C PRO B 131 20.05 -13.53 -3.42
N GLY B 132 21.05 -12.89 -4.02
CA GLY B 132 22.13 -13.60 -4.72
C GLY B 132 22.93 -14.58 -3.88
N SER B 133 23.30 -14.16 -2.67
CA SER B 133 24.10 -15.03 -1.86
C SER B 133 23.32 -15.75 -0.76
N GLY B 134 22.12 -15.27 -0.39
CA GLY B 134 21.34 -15.82 0.71
C GLY B 134 21.85 -15.21 1.99
N ARG B 135 22.72 -14.19 1.97
CA ARG B 135 23.21 -13.64 3.24
C ARG B 135 22.05 -13.05 4.04
N VAL B 136 22.04 -13.27 5.36
CA VAL B 136 21.04 -12.75 6.27
C VAL B 136 21.58 -11.53 7.02
N TYR B 137 20.81 -10.45 7.14
CA TYR B 137 21.16 -9.30 7.95
C TYR B 137 19.97 -9.05 8.88
N ASN B 138 20.21 -8.89 10.16
CA ASN B 138 19.17 -8.60 11.15
C ASN B 138 19.62 -7.25 11.70
N ILE B 139 18.82 -6.26 11.50
CA ILE B 139 19.08 -4.88 11.91
C ILE B 139 19.48 -4.73 13.37
N GLU B 140 18.93 -5.59 14.21
CA GLU B 140 19.22 -5.57 15.62
C GLU B 140 20.57 -6.24 15.89
N PHE B 141 21.08 -7.21 15.13
CA PHE B 141 22.33 -7.91 15.48
C PHE B 141 23.46 -7.70 14.49
N ASN B 142 23.26 -7.80 13.17
CA ASN B 142 24.34 -7.54 12.26
C ASN B 142 23.71 -6.72 11.17
N PRO B 143 23.44 -5.43 11.44
CA PRO B 143 22.89 -4.51 10.47
C PRO B 143 23.84 -4.38 9.25
N PRO B 144 23.39 -4.16 7.99
CA PRO B 144 24.30 -3.80 6.91
C PRO B 144 24.93 -2.42 7.20
N LYS B 145 25.98 -2.10 6.50
CA LYS B 145 26.70 -0.86 6.61
C LYS B 145 25.78 0.23 6.10
N THR B 146 25.00 0.01 5.06
CA THR B 146 24.08 1.03 4.58
C THR B 146 22.74 0.32 4.53
N MET B 147 21.67 0.94 5.04
CA MET B 147 20.41 0.25 5.10
C MET B 147 19.95 -0.22 3.72
N GLY B 148 19.37 -1.41 3.69
CA GLY B 148 18.86 -1.99 2.45
C GLY B 148 19.91 -2.41 1.45
N ILE B 149 21.24 -2.38 1.71
CA ILE B 149 22.27 -2.73 0.75
C ILE B 149 23.16 -3.83 1.31
N ASP B 150 23.43 -4.84 0.49
CA ASP B 150 24.38 -5.88 0.80
C ASP B 150 25.78 -5.27 0.87
N ASP B 151 26.53 -5.53 1.96
CA ASP B 151 27.90 -5.05 2.22
C ASP B 151 28.92 -5.44 1.19
N LEU B 152 28.81 -6.66 0.70
CA LEU B 152 29.83 -7.17 -0.20
C LEU B 152 29.64 -6.82 -1.66
N THR B 153 28.41 -6.78 -2.15
CA THR B 153 28.16 -6.64 -3.58
C THR B 153 27.55 -5.27 -3.91
N GLY B 154 27.13 -4.53 -2.91
CA GLY B 154 26.46 -3.29 -3.16
C GLY B 154 25.05 -3.59 -3.64
N GLU B 155 24.47 -4.81 -3.64
CA GLU B 155 23.14 -5.02 -4.20
C GLU B 155 22.04 -4.79 -3.16
N PRO B 156 20.80 -4.48 -3.55
CA PRO B 156 19.72 -4.24 -2.59
C PRO B 156 19.32 -5.54 -1.94
N LEU B 157 18.95 -5.37 -0.68
CA LEU B 157 18.49 -6.49 0.13
C LEU B 157 16.97 -6.50 -0.08
N VAL B 158 16.33 -7.60 0.30
CA VAL B 158 14.90 -7.71 0.26
C VAL B 158 14.34 -8.23 1.58
N GLN B 159 13.07 -7.99 1.92
CA GLN B 159 12.43 -8.67 3.05
C GLN B 159 11.44 -9.74 2.59
N ARG B 160 11.29 -10.86 3.30
CA ARG B 160 10.28 -11.83 2.92
C ARG B 160 8.95 -11.18 3.22
N GLU B 161 7.84 -11.54 2.58
CA GLU B 161 6.54 -10.88 2.78
C GLU B 161 6.10 -10.75 4.25
N ASP B 162 6.31 -11.76 5.09
CA ASP B 162 5.89 -11.66 6.48
C ASP B 162 6.70 -10.65 7.25
N ASP B 163 7.94 -10.35 6.83
CA ASP B 163 8.78 -9.45 7.62
C ASP B 163 8.62 -7.99 7.22
N ARG B 164 7.72 -7.77 6.27
CA ARG B 164 7.47 -6.43 5.77
C ARG B 164 6.67 -5.67 6.77
N PRO B 165 6.90 -4.35 7.06
CA PRO B 165 6.14 -3.53 8.00
C PRO B 165 4.61 -3.61 7.86
N GLU B 166 4.14 -3.72 6.64
CA GLU B 166 2.74 -3.84 6.30
C GLU B 166 2.11 -5.15 6.79
N THR B 167 2.77 -6.26 6.55
CA THR B 167 2.30 -7.56 6.98
C THR B 167 2.32 -7.68 8.48
N VAL B 168 3.38 -7.15 9.09
CA VAL B 168 3.59 -7.20 10.53
C VAL B 168 2.54 -6.35 11.19
N VAL B 169 2.17 -5.16 10.70
CA VAL B 169 1.17 -4.34 11.39
C VAL B 169 -0.20 -4.99 11.32
N LYS B 170 -0.58 -5.55 10.18
CA LYS B 170 -1.80 -6.30 10.13
C LYS B 170 -1.81 -7.42 11.16
N ARG B 171 -0.71 -8.16 11.30
CA ARG B 171 -0.59 -9.24 12.26
C ARG B 171 -0.75 -8.72 13.70
N LEU B 172 -0.12 -7.60 14.04
CA LEU B 172 -0.20 -7.07 15.37
C LEU B 172 -1.57 -6.52 15.73
N LYS B 173 -2.23 -5.91 14.76
CA LYS B 173 -3.58 -5.37 14.97
C LYS B 173 -4.54 -6.51 15.12
N ALA B 174 -4.42 -7.61 14.40
CA ALA B 174 -5.32 -8.73 14.63
C ALA B 174 -5.13 -9.40 16.00
N TYR B 175 -3.88 -9.64 16.39
CA TYR B 175 -3.55 -10.22 17.69
C TYR B 175 -4.19 -9.35 18.76
N GLU B 176 -4.01 -8.07 18.65
CA GLU B 176 -4.58 -7.14 19.57
C GLU B 176 -6.05 -7.29 19.72
N ALA B 177 -6.71 -7.36 18.58
CA ALA B 177 -8.14 -7.45 18.59
C ALA B 177 -8.58 -8.77 19.16
N GLN B 178 -7.88 -9.87 18.89
CA GLN B 178 -8.39 -11.09 19.41
C GLN B 178 -8.06 -11.24 20.86
N THR B 179 -6.93 -10.70 21.33
CA THR B 179 -6.56 -10.95 22.70
C THR B 179 -6.89 -9.87 23.71
N GLU B 180 -7.22 -8.65 23.31
CA GLU B 180 -7.64 -7.61 24.25
C GLU B 180 -8.87 -8.02 25.10
N PRO B 181 -9.95 -8.62 24.54
CA PRO B 181 -11.05 -9.24 25.28
C PRO B 181 -10.58 -10.29 26.30
N VAL B 182 -9.56 -11.12 25.96
CA VAL B 182 -9.07 -12.14 26.89
C VAL B 182 -8.35 -11.52 28.09
N LEU B 183 -7.49 -10.49 27.88
CA LEU B 183 -6.84 -9.79 28.99
C LEU B 183 -7.83 -9.09 29.95
N GLU B 184 -8.93 -8.52 29.46
CA GLU B 184 -9.90 -7.86 30.31
C GLU B 184 -10.65 -8.90 31.11
N TYR B 185 -10.94 -10.04 30.48
CA TYR B 185 -11.58 -11.16 31.15
C TYR B 185 -10.70 -11.58 32.30
N TYR B 186 -9.40 -11.80 32.11
CA TYR B 186 -8.59 -12.22 33.25
C TYR B 186 -8.31 -11.14 34.29
N ARG B 187 -8.26 -9.88 33.90
CA ARG B 187 -8.03 -8.75 34.80
C ARG B 187 -9.26 -8.72 35.69
N LYS B 188 -10.50 -8.88 35.20
CA LYS B 188 -11.67 -8.96 36.03
C LYS B 188 -11.70 -10.14 36.99
N LYS B 189 -11.13 -11.28 36.61
CA LYS B 189 -11.00 -12.38 37.55
C LYS B 189 -9.93 -12.17 38.60
N GLY B 190 -9.12 -11.10 38.47
CA GLY B 190 -7.99 -10.85 39.32
C GLY B 190 -6.84 -11.85 39.11
N VAL B 191 -6.59 -12.52 37.96
CA VAL B 191 -5.50 -13.50 37.85
C VAL B 191 -4.41 -13.03 36.91
N LEU B 192 -4.61 -11.88 36.25
CA LEU B 192 -3.66 -11.33 35.30
C LEU B 192 -2.49 -10.61 35.99
N GLU B 193 -1.28 -11.06 35.66
CA GLU B 193 -0.05 -10.45 36.13
C GLU B 193 0.67 -9.90 34.93
N THR B 194 0.81 -8.59 34.80
CA THR B 194 1.40 -8.00 33.61
C THR B 194 2.79 -7.53 33.89
N PHE B 195 3.72 -7.84 33.00
CA PHE B 195 5.09 -7.39 33.16
C PHE B 195 5.35 -6.51 31.96
N SER B 196 5.81 -5.26 32.13
CA SER B 196 6.03 -4.33 31.01
C SER B 196 7.50 -4.07 30.79
N GLY B 197 7.94 -3.78 29.59
CA GLY B 197 9.36 -3.50 29.41
C GLY B 197 9.68 -3.42 27.96
N THR B 198 10.88 -3.05 27.56
CA THR B 198 11.17 -3.00 26.14
C THR B 198 12.30 -3.98 25.85
N GLU B 199 12.96 -4.63 26.80
CA GLU B 199 13.97 -5.64 26.51
C GLU B 199 13.62 -6.85 27.35
N THR B 200 13.72 -8.05 26.78
CA THR B 200 13.43 -9.29 27.51
C THR B 200 14.24 -9.45 28.77
N ASN B 201 15.50 -9.07 28.67
CA ASN B 201 16.38 -9.17 29.80
C ASN B 201 16.05 -8.13 30.85
N LYS B 202 15.16 -7.13 30.62
CA LYS B 202 14.70 -6.27 31.71
C LYS B 202 13.40 -6.82 32.29
N ILE B 203 12.61 -7.53 31.50
CA ILE B 203 11.35 -8.08 31.96
C ILE B 203 11.60 -9.36 32.72
N TRP B 204 12.51 -10.22 32.23
CA TRP B 204 12.68 -11.52 32.82
C TRP B 204 13.01 -11.49 34.30
N PRO B 205 13.87 -10.64 34.88
CA PRO B 205 14.15 -10.61 36.32
C PRO B 205 12.88 -10.50 37.16
N HIS B 206 11.92 -9.72 36.65
CA HIS B 206 10.65 -9.54 37.31
C HIS B 206 9.79 -10.80 37.30
N VAL B 207 9.74 -11.51 36.16
CA VAL B 207 9.00 -12.77 36.07
C VAL B 207 9.63 -13.79 36.99
N TYR B 208 10.96 -13.83 36.96
CA TYR B 208 11.73 -14.74 37.78
C TYR B 208 11.46 -14.56 39.27
N ALA B 209 11.48 -13.32 39.79
CA ALA B 209 11.16 -13.02 41.16
C ALA B 209 9.72 -13.42 41.45
N PHE B 210 8.77 -13.14 40.57
CA PHE B 210 7.37 -13.51 40.77
C PHE B 210 7.16 -15.03 40.85
N LEU B 211 7.73 -15.83 39.91
CA LEU B 211 7.47 -17.24 39.96
C LEU B 211 8.13 -17.98 41.12
N GLN B 212 9.19 -17.37 41.67
CA GLN B 212 9.80 -17.88 42.90
C GLN B 212 8.78 -17.90 44.04
N THR B 213 7.80 -16.99 44.11
CA THR B 213 6.74 -17.04 45.13
C THR B 213 5.67 -18.10 44.79
N LYS B 214 5.79 -18.84 43.67
CA LYS B 214 4.73 -19.72 43.21
C LYS B 214 5.13 -21.17 43.01
N LEU B 215 6.33 -21.51 42.59
CA LEU B 215 6.63 -22.92 42.45
C LEU B 215 8.12 -23.20 42.64
N PRO B 216 8.56 -24.45 42.80
CA PRO B 216 9.95 -24.77 43.06
C PRO B 216 10.88 -24.54 41.88
N GLN B 217 12.12 -24.13 42.16
CA GLN B 217 13.07 -23.93 41.08
C GLN B 217 13.76 -25.23 40.74
N ARG B 218 14.20 -25.47 39.50
CA ARG B 218 15.01 -26.63 39.21
C ARG B 218 16.35 -26.33 39.87
N SER B 219 16.87 -27.30 40.61
CA SER B 219 18.02 -27.04 41.48
C SER B 219 19.40 -26.69 40.90
N GLN B 220 20.21 -26.09 41.82
CA GLN B 220 21.61 -25.70 41.63
C GLN B 220 22.38 -26.96 42.06
N GLU B 221 22.21 -28.00 41.45
#